data_6XHH
#
_entry.id   6XHH
#
_cell.length_a   32.286
_cell.length_b   35.814
_cell.length_c   74.875
_cell.angle_alpha   100.190
_cell.angle_beta   95.370
_cell.angle_gamma   89.860
#
_symmetry.space_group_name_H-M   'P 1'
#
loop_
_entity.id
_entity.type
_entity.pdbx_description
1 polymer JSC1_58120g3
2 non-polymer 'mesobiliverdin IX(alpha)'
3 non-polymer 1,2-ETHANEDIOL
4 water water
#
_entity_poly.entity_id   1
_entity_poly.type   'polypeptide(L)'
_entity_poly.pdbx_seq_one_letter_code
;MEQALNRVITKIRQVSDLESIFSTTTQEVRRLFGIERVTIYKFREDYFGDFITESEAGGWRKLVGSGWEDPYLNEHQGGR
FQQNQPFVVDDIYLGETIWEEGKFNLQKPKRPLTDCHIEALESFEVKSCAVVAIFQGQKLWGLLSAFQNSAPRHWDEAEV
QLLMRVADQLGVAIQQAEYLAQ
;
_entity_poly.pdbx_strand_id   A,B
#
# COMPACT_ATOMS: atom_id res chain seq x y z
N MET A 1 9.87 13.47 -11.25
CA MET A 1 9.11 12.36 -10.68
C MET A 1 10.02 11.30 -10.08
N GLU A 2 11.34 11.58 -10.07
CA GLU A 2 12.28 10.57 -9.59
C GLU A 2 12.01 10.23 -8.12
N GLN A 3 11.71 11.23 -7.31
CA GLN A 3 11.37 10.97 -5.91
C GLN A 3 10.09 10.15 -5.81
N ALA A 4 9.06 10.52 -6.57
CA ALA A 4 7.86 9.69 -6.64
C ALA A 4 8.19 8.30 -7.17
N LEU A 5 9.00 8.23 -8.24
CA LEU A 5 9.39 6.92 -8.77
C LEU A 5 10.15 6.10 -7.75
N ASN A 6 11.10 6.72 -7.06
CA ASN A 6 11.89 5.98 -6.08
C ASN A 6 10.99 5.43 -4.98
N ARG A 7 9.97 6.19 -4.59
CA ARG A 7 8.99 5.71 -3.62
C ARG A 7 8.25 4.50 -4.15
N VAL A 8 7.80 4.55 -5.40
CA VAL A 8 7.09 3.42 -6.00
C VAL A 8 7.97 2.19 -6.03
N ILE A 9 9.23 2.34 -6.50
CA ILE A 9 10.13 1.19 -6.60
C ILE A 9 10.40 0.59 -5.23
N THR A 10 10.54 1.44 -4.20
CA THR A 10 10.72 0.96 -2.84
C THR A 10 9.57 0.05 -2.42
N LYS A 11 8.32 0.52 -2.62
CA LYS A 11 7.17 -0.28 -2.22
C LYS A 11 7.12 -1.60 -2.98
N ILE A 12 7.44 -1.56 -4.28
CA ILE A 12 7.42 -2.77 -5.11
C ILE A 12 8.41 -3.80 -4.57
N ARG A 13 9.60 -3.37 -4.19
CA ARG A 13 10.62 -4.31 -3.76
C ARG A 13 10.48 -4.73 -2.31
N GLN A 14 9.55 -4.14 -1.56
CA GLN A 14 9.33 -4.54 -0.17
C GLN A 14 8.42 -5.77 -0.05
N VAL A 15 7.94 -6.31 -1.16
CA VAL A 15 7.21 -7.57 -1.15
C VAL A 15 7.92 -8.54 -2.09
N SER A 16 7.57 -9.83 -1.97
CA SER A 16 8.34 -10.90 -2.58
C SER A 16 7.70 -11.45 -3.85
N ASP A 17 6.45 -11.86 -3.77
CA ASP A 17 5.80 -12.58 -4.86
C ASP A 17 5.26 -11.62 -5.90
N LEU A 18 5.12 -12.14 -7.13
CA LEU A 18 4.71 -11.30 -8.26
C LEU A 18 3.30 -10.75 -8.08
N GLU A 19 2.40 -11.51 -7.45
CA GLU A 19 1.05 -11.00 -7.25
C GLU A 19 1.04 -9.80 -6.31
N SER A 20 1.84 -9.84 -5.24
CA SER A 20 1.95 -8.69 -4.35
C SER A 20 2.57 -7.50 -5.07
N ILE A 21 3.57 -7.76 -5.93
CA ILE A 21 4.20 -6.69 -6.70
C ILE A 21 3.16 -6.00 -7.59
N PHE A 22 2.35 -6.79 -8.28
CA PHE A 22 1.30 -6.22 -9.14
C PHE A 22 0.32 -5.38 -8.33
N SER A 23 -0.13 -5.90 -7.20
CA SER A 23 -1.14 -5.17 -6.42
C SER A 23 -0.56 -3.89 -5.84
N THR A 24 0.65 -3.97 -5.26
CA THR A 24 1.30 -2.77 -4.75
C THR A 24 1.53 -1.75 -5.85
N THR A 25 1.92 -2.20 -7.04
CA THR A 25 2.17 -1.28 -8.15
C THR A 25 0.91 -0.52 -8.54
N THR A 26 -0.20 -1.23 -8.76
CA THR A 26 -1.42 -0.55 -9.17
C THR A 26 -1.90 0.40 -8.08
N GLN A 27 -1.81 0.00 -6.81
CA GLN A 27 -2.21 0.85 -5.70
C GLN A 27 -1.37 2.12 -5.63
N GLU A 28 -0.04 1.97 -5.74
CA GLU A 28 0.82 3.13 -5.56
C GLU A 28 0.68 4.11 -6.72
N VAL A 29 0.59 3.61 -7.96
CA VAL A 29 0.37 4.52 -9.08
C VAL A 29 -0.97 5.23 -8.97
N ARG A 30 -2.02 4.52 -8.55
CA ARG A 30 -3.34 5.14 -8.45
C ARG A 30 -3.33 6.27 -7.40
N ARG A 31 -2.73 5.99 -6.24
CA ARG A 31 -2.61 7.00 -5.18
C ARG A 31 -1.80 8.21 -5.66
N LEU A 32 -0.66 7.94 -6.29
CA LEU A 32 0.23 9.01 -6.76
C LEU A 32 -0.50 9.94 -7.73
N PHE A 33 -1.21 9.38 -8.70
CA PHE A 33 -1.91 10.17 -9.70
C PHE A 33 -3.26 10.69 -9.23
N GLY A 34 -3.74 10.24 -8.07
CA GLY A 34 -5.07 10.61 -7.60
C GLY A 34 -6.15 10.29 -8.63
N ILE A 35 -6.12 9.07 -9.17
CA ILE A 35 -7.08 8.72 -10.21
C ILE A 35 -7.93 7.52 -9.77
N GLU A 36 -8.82 7.08 -10.65
CA GLU A 36 -9.86 6.15 -10.26
C GLU A 36 -9.55 4.69 -10.59
N ARG A 37 -8.64 4.42 -11.52
CA ARG A 37 -8.26 3.02 -11.76
C ARG A 37 -6.89 2.95 -12.38
N VAL A 38 -6.11 1.98 -11.94
CA VAL A 38 -4.88 1.56 -12.61
C VAL A 38 -4.94 0.05 -12.75
N THR A 39 -4.58 -0.46 -13.94
CA THR A 39 -4.68 -1.87 -14.24
C THR A 39 -3.37 -2.39 -14.82
N ILE A 40 -3.14 -3.68 -14.57
CA ILE A 40 -2.14 -4.46 -15.29
C ILE A 40 -2.89 -5.48 -16.12
N TYR A 41 -2.60 -5.48 -17.42
CA TYR A 41 -3.29 -6.28 -18.42
C TYR A 41 -2.25 -7.12 -19.15
N LYS A 42 -2.51 -8.41 -19.25
CA LYS A 42 -1.57 -9.35 -19.85
C LYS A 42 -2.03 -9.75 -21.24
N PHE A 43 -1.13 -9.63 -22.21
CA PHE A 43 -1.42 -10.08 -23.57
C PHE A 43 -1.47 -11.60 -23.65
N ARG A 44 -2.46 -12.11 -24.38
CA ARG A 44 -2.43 -13.47 -24.87
C ARG A 44 -1.50 -13.54 -26.08
N GLU A 45 -1.36 -14.75 -26.63
CA GLU A 45 -0.47 -14.94 -27.75
C GLU A 45 -0.92 -14.18 -29.00
N ASP A 46 -2.20 -13.87 -29.11
CA ASP A 46 -2.72 -13.15 -30.28
C ASP A 46 -2.90 -11.66 -30.02
N TYR A 47 -2.40 -11.16 -28.89
CA TYR A 47 -2.47 -9.76 -28.49
C TYR A 47 -3.90 -9.30 -28.22
N PHE A 48 -4.85 -10.23 -28.12
CA PHE A 48 -5.94 -10.04 -27.18
C PHE A 48 -5.35 -10.12 -25.76
N GLY A 49 -6.18 -9.97 -24.74
CA GLY A 49 -5.59 -9.94 -23.41
C GLY A 49 -6.64 -9.84 -22.32
N ASP A 50 -6.15 -9.94 -21.08
CA ASP A 50 -6.99 -10.04 -19.90
C ASP A 50 -6.48 -9.15 -18.78
N PHE A 51 -7.41 -8.58 -18.01
CA PHE A 51 -7.05 -7.79 -16.83
C PHE A 51 -6.59 -8.72 -15.70
N ILE A 52 -5.36 -8.52 -15.23
CA ILE A 52 -4.77 -9.36 -14.19
C ILE A 52 -4.91 -8.75 -12.81
N THR A 53 -4.64 -7.45 -12.69
CA THR A 53 -4.62 -6.76 -11.40
C THR A 53 -5.16 -5.35 -11.59
N GLU A 54 -5.82 -4.84 -10.55
CA GLU A 54 -6.33 -3.50 -10.62
C GLU A 54 -6.37 -2.88 -9.24
N SER A 55 -6.31 -1.55 -9.21
CA SER A 55 -6.61 -0.75 -8.03
C SER A 55 -7.65 0.26 -8.47
N GLU A 56 -8.75 0.35 -7.75
CA GLU A 56 -9.86 1.20 -8.15
C GLU A 56 -10.34 2.05 -6.97
N ALA A 57 -10.88 3.23 -7.29
CA ALA A 57 -11.43 4.15 -6.29
C ALA A 57 -12.68 4.82 -6.87
N GLY A 58 -13.77 4.76 -6.11
CA GLY A 58 -14.98 5.45 -6.51
C GLY A 58 -16.17 4.56 -6.84
N GLY A 59 -16.08 3.28 -6.52
CA GLY A 59 -17.21 2.37 -6.69
C GLY A 59 -17.51 1.99 -8.13
N TRP A 60 -16.47 1.62 -8.86
CA TRP A 60 -16.55 1.21 -10.26
C TRP A 60 -16.59 -0.31 -10.35
N ARG A 61 -16.99 -0.81 -11.53
CA ARG A 61 -16.96 -2.25 -11.75
C ARG A 61 -15.52 -2.75 -11.71
N LYS A 62 -15.36 -3.97 -11.20
CA LYS A 62 -14.07 -4.64 -11.22
C LYS A 62 -13.81 -5.21 -12.60
N LEU A 63 -12.61 -4.93 -13.15
CA LEU A 63 -12.24 -5.43 -14.46
C LEU A 63 -11.45 -6.73 -14.41
N VAL A 64 -10.82 -7.06 -13.27
CA VAL A 64 -10.07 -8.30 -13.21
C VAL A 64 -11.02 -9.46 -13.42
N GLY A 65 -10.56 -10.45 -14.19
CA GLY A 65 -11.39 -11.54 -14.67
C GLY A 65 -11.87 -11.36 -16.09
N SER A 66 -11.94 -10.12 -16.55
CA SER A 66 -12.51 -9.80 -17.86
C SER A 66 -11.41 -9.66 -18.90
N GLY A 67 -11.79 -9.86 -20.14
CA GLY A 67 -10.86 -9.67 -21.24
C GLY A 67 -11.21 -8.48 -22.11
N TRP A 68 -10.22 -8.00 -22.85
CA TRP A 68 -10.44 -7.04 -23.94
C TRP A 68 -9.77 -7.61 -25.16
N GLU A 69 -10.58 -7.98 -26.16
CA GLU A 69 -10.07 -8.55 -27.42
C GLU A 69 -10.08 -7.44 -28.46
N ASP A 70 -9.00 -6.66 -28.47
CA ASP A 70 -8.95 -5.51 -29.36
C ASP A 70 -8.53 -5.95 -30.75
N PRO A 71 -9.39 -5.79 -31.77
CA PRO A 71 -9.05 -6.29 -33.11
C PRO A 71 -7.88 -5.58 -33.73
N TYR A 72 -7.70 -4.30 -33.42
CA TYR A 72 -6.56 -3.56 -33.96
C TYR A 72 -5.25 -4.08 -33.37
N LEU A 73 -5.20 -4.24 -32.05
CA LEU A 73 -4.00 -4.80 -31.43
C LEU A 73 -3.69 -6.20 -31.94
N ASN A 74 -4.73 -6.98 -32.27
CA ASN A 74 -4.49 -8.31 -32.83
C ASN A 74 -3.91 -8.22 -34.23
N GLU A 75 -4.52 -7.40 -35.08
CA GLU A 75 -4.09 -7.33 -36.47
C GLU A 75 -2.70 -6.73 -36.60
N HIS A 76 -2.32 -5.84 -35.69
CA HIS A 76 -1.01 -5.20 -35.72
C HIS A 76 -0.06 -5.78 -34.68
N GLN A 77 -0.39 -6.95 -34.11
CA GLN A 77 0.48 -7.70 -33.20
CA GLN A 77 0.50 -7.69 -33.21
C GLN A 77 1.05 -6.80 -32.10
N GLY A 78 0.15 -6.04 -31.47
CA GLY A 78 0.53 -5.17 -30.37
C GLY A 78 0.60 -3.70 -30.71
N GLY A 79 0.52 -3.34 -31.99
CA GLY A 79 0.48 -1.95 -32.37
C GLY A 79 1.74 -1.20 -31.98
N ARG A 80 1.54 0.05 -31.55
CA ARG A 80 2.67 0.92 -31.22
C ARG A 80 3.45 0.42 -30.02
N PHE A 81 2.88 -0.49 -29.23
CA PHE A 81 3.57 -0.91 -28.02
C PHE A 81 4.79 -1.77 -28.33
N GLN A 82 4.85 -2.35 -29.53
CA GLN A 82 6.06 -3.09 -29.91
C GLN A 82 7.26 -2.16 -30.02
N GLN A 83 7.02 -0.88 -30.30
CA GLN A 83 8.06 0.14 -30.33
C GLN A 83 8.15 0.90 -29.01
N ASN A 84 7.48 0.42 -27.96
CA ASN A 84 7.41 1.11 -26.66
C ASN A 84 6.97 2.56 -26.79
N GLN A 85 5.98 2.80 -27.65
CA GLN A 85 5.34 4.10 -27.67
C GLN A 85 4.13 4.10 -26.74
N PRO A 86 3.91 5.15 -25.95
CA PRO A 86 2.71 5.22 -25.12
C PRO A 86 1.50 5.65 -25.93
N PHE A 87 0.33 5.47 -25.32
CA PHE A 87 -0.95 5.94 -25.84
C PHE A 87 -1.58 6.84 -24.78
N VAL A 88 -1.76 8.12 -25.10
CA VAL A 88 -2.05 9.16 -24.13
C VAL A 88 -3.30 9.90 -24.57
N VAL A 89 -4.39 9.77 -23.80
CA VAL A 89 -5.70 10.32 -24.18
C VAL A 89 -6.31 11.04 -22.99
N ASP A 90 -6.26 12.38 -23.00
CA ASP A 90 -6.90 13.16 -21.94
C ASP A 90 -8.39 12.87 -21.86
N ASP A 91 -9.04 12.80 -23.02
CA ASP A 91 -10.50 12.78 -23.14
C ASP A 91 -10.80 11.84 -24.30
N ILE A 92 -11.44 10.69 -24.03
CA ILE A 92 -11.65 9.71 -25.10
C ILE A 92 -12.49 10.25 -26.25
N TYR A 93 -13.21 11.35 -26.03
CA TYR A 93 -14.03 11.92 -27.10
C TYR A 93 -13.29 12.96 -27.91
N LEU A 94 -12.09 13.35 -27.50
CA LEU A 94 -11.31 14.34 -28.22
C LEU A 94 -10.05 13.79 -28.86
N GLY A 95 -9.37 12.83 -28.25
CA GLY A 95 -8.37 12.07 -28.97
C GLY A 95 -7.01 12.10 -28.30
N GLU A 96 -6.05 11.49 -28.97
CA GLU A 96 -4.75 11.21 -28.38
C GLU A 96 -3.78 12.38 -28.54
N THR A 97 -2.91 12.53 -27.55
CA THR A 97 -1.78 13.44 -27.61
C THR A 97 -0.66 12.80 -28.43
N ILE A 98 -0.17 13.51 -29.44
CA ILE A 98 0.84 12.91 -30.31
C ILE A 98 2.18 12.83 -29.58
N TRP A 99 2.78 11.64 -29.60
CA TRP A 99 4.04 11.34 -28.92
C TRP A 99 5.08 11.02 -29.99
N GLU A 100 6.11 11.85 -30.07
CA GLU A 100 7.18 11.70 -31.07
C GLU A 100 8.51 12.10 -30.44
N GLU A 101 9.55 11.33 -30.77
CA GLU A 101 10.88 11.52 -30.18
C GLU A 101 10.81 11.55 -28.66
N GLY A 102 10.00 10.64 -28.10
CA GLY A 102 9.90 10.47 -26.66
C GLY A 102 9.30 11.62 -25.89
N LYS A 103 8.46 12.44 -26.53
CA LYS A 103 7.82 13.55 -25.84
C LYS A 103 6.57 13.95 -26.62
N PHE A 104 5.79 14.85 -26.05
CA PHE A 104 4.62 15.35 -26.77
C PHE A 104 5.07 16.21 -27.95
N ASN A 105 4.37 16.09 -29.07
CA ASN A 105 4.47 17.07 -30.15
C ASN A 105 3.38 18.10 -29.91
N LEU A 106 3.78 19.24 -29.34
CA LEU A 106 2.79 20.26 -28.97
C LEU A 106 2.23 20.99 -30.18
N GLN A 107 2.86 20.86 -31.35
CA GLN A 107 2.40 21.49 -32.57
C GLN A 107 1.25 20.75 -33.22
N LYS A 108 1.02 19.49 -32.86
CA LYS A 108 0.00 18.70 -33.54
C LYS A 108 -1.31 18.70 -32.77
N PRO A 109 -2.45 18.81 -33.44
CA PRO A 109 -3.73 18.66 -32.75
C PRO A 109 -3.90 17.22 -32.27
N LYS A 110 -4.79 17.06 -31.29
CA LYS A 110 -5.15 15.72 -30.83
C LYS A 110 -5.76 14.91 -31.97
N ARG A 111 -5.52 13.61 -31.95
CA ARG A 111 -6.00 12.72 -33.01
C ARG A 111 -7.20 11.92 -32.52
N PRO A 112 -8.40 12.15 -33.05
CA PRO A 112 -9.58 11.44 -32.55
C PRO A 112 -9.49 9.94 -32.72
N LEU A 113 -10.08 9.22 -31.75
CA LEU A 113 -10.10 7.77 -31.75
C LEU A 113 -11.23 7.24 -32.63
N THR A 114 -11.04 6.03 -33.15
CA THR A 114 -12.09 5.35 -33.90
C THR A 114 -13.26 5.01 -32.98
N ASP A 115 -14.48 5.04 -33.52
CA ASP A 115 -15.65 4.97 -32.63
C ASP A 115 -15.73 3.64 -31.89
N CYS A 116 -15.35 2.53 -32.53
CA CYS A 116 -15.44 1.24 -31.82
C CYS A 116 -14.40 1.12 -30.72
N HIS A 117 -13.25 1.82 -30.87
CA HIS A 117 -12.30 1.95 -29.78
C HIS A 117 -12.93 2.74 -28.64
N ILE A 118 -13.55 3.89 -28.96
CA ILE A 118 -14.25 4.66 -27.94
C ILE A 118 -15.31 3.82 -27.23
N GLU A 119 -16.04 3.01 -27.99
CA GLU A 119 -17.12 2.21 -27.39
C GLU A 119 -16.54 1.15 -26.46
N ALA A 120 -15.43 0.54 -26.85
CA ALA A 120 -14.72 -0.42 -26.00
C ALA A 120 -14.30 0.23 -24.68
N LEU A 121 -13.74 1.44 -24.75
CA LEU A 121 -13.37 2.17 -23.55
C LEU A 121 -14.58 2.47 -22.68
N GLU A 122 -15.68 2.93 -23.28
CA GLU A 122 -16.91 3.11 -22.53
C GLU A 122 -17.35 1.83 -21.85
N SER A 123 -17.16 0.68 -22.51
CA SER A 123 -17.58 -0.58 -21.88
C SER A 123 -16.76 -0.90 -20.64
N PHE A 124 -15.57 -0.32 -20.50
CA PHE A 124 -14.76 -0.50 -19.30
C PHE A 124 -14.84 0.71 -18.38
N GLU A 125 -15.78 1.62 -18.65
CA GLU A 125 -16.07 2.80 -17.82
C GLU A 125 -14.95 3.84 -17.86
N VAL A 126 -14.18 3.89 -18.95
CA VAL A 126 -13.01 4.77 -19.05
C VAL A 126 -13.40 6.06 -19.76
N LYS A 127 -12.98 7.22 -19.22
CA LYS A 127 -13.11 8.50 -19.91
C LYS A 127 -11.79 9.15 -20.28
N SER A 128 -10.67 8.58 -19.84
CA SER A 128 -9.35 9.16 -20.03
C SER A 128 -8.35 8.02 -19.79
N CYS A 129 -7.31 7.92 -20.62
CA CYS A 129 -6.39 6.80 -20.41
C CYS A 129 -4.97 7.17 -20.81
N ALA A 130 -4.02 6.72 -20.00
CA ALA A 130 -2.59 6.76 -20.33
C ALA A 130 -2.10 5.32 -20.25
N VAL A 131 -1.60 4.79 -21.36
CA VAL A 131 -1.36 3.35 -21.51
C VAL A 131 0.07 3.14 -22.00
N VAL A 132 0.82 2.28 -21.30
CA VAL A 132 2.21 2.05 -21.67
C VAL A 132 2.53 0.56 -21.67
N ALA A 133 3.56 0.20 -22.41
CA ALA A 133 3.93 -1.19 -22.60
C ALA A 133 4.67 -1.74 -21.37
N ILE A 134 4.38 -3.00 -21.04
CA ILE A 134 5.19 -3.76 -20.09
C ILE A 134 6.01 -4.75 -20.89
N PHE A 135 7.34 -4.60 -20.85
CA PHE A 135 8.26 -5.49 -21.54
C PHE A 135 8.93 -6.45 -20.56
N GLN A 136 8.94 -7.72 -20.91
CA GLN A 136 9.69 -8.74 -20.20
C GLN A 136 10.92 -9.01 -21.05
N GLY A 137 12.05 -8.44 -20.65
CA GLY A 137 13.18 -8.40 -21.57
C GLY A 137 12.80 -7.52 -22.75
N GLN A 138 13.01 -8.02 -23.96
CA GLN A 138 12.52 -7.34 -25.15
C GLN A 138 11.24 -7.98 -25.69
N LYS A 139 10.50 -8.70 -24.85
CA LYS A 139 9.23 -9.29 -25.25
C LYS A 139 8.09 -8.45 -24.69
N LEU A 140 7.18 -8.01 -25.58
CA LEU A 140 5.99 -7.25 -25.17
C LEU A 140 5.05 -8.18 -24.42
N TRP A 141 4.87 -7.94 -23.11
CA TRP A 141 4.15 -8.83 -22.22
C TRP A 141 2.72 -8.37 -21.95
N GLY A 142 2.51 -7.07 -21.83
CA GLY A 142 1.21 -6.57 -21.47
C GLY A 142 1.22 -5.06 -21.44
N LEU A 143 0.21 -4.50 -20.76
CA LEU A 143 0.02 -3.06 -20.68
C LEU A 143 -0.25 -2.63 -19.25
N LEU A 144 0.30 -1.48 -18.88
CA LEU A 144 -0.04 -0.78 -17.65
C LEU A 144 -0.85 0.46 -18.03
N SER A 145 -2.06 0.55 -17.50
CA SER A 145 -3.02 1.59 -17.86
C SER A 145 -3.39 2.40 -16.63
N ALA A 146 -3.34 3.71 -16.78
CA ALA A 146 -3.89 4.66 -15.82
C ALA A 146 -5.18 5.25 -16.39
N PHE A 147 -6.28 5.14 -15.64
CA PHE A 147 -7.60 5.51 -16.14
C PHE A 147 -8.24 6.55 -15.23
N GLN A 148 -8.97 7.50 -15.83
CA GLN A 148 -9.96 8.25 -15.09
C GLN A 148 -11.33 7.88 -15.67
N ASN A 149 -12.29 7.66 -14.78
CA ASN A 149 -13.58 7.11 -15.16
C ASN A 149 -14.71 8.12 -15.14
N SER A 150 -14.65 9.10 -14.23
CA SER A 150 -15.75 10.04 -14.06
C SER A 150 -15.62 11.29 -14.92
N ALA A 151 -14.44 11.56 -15.47
CA ALA A 151 -14.15 12.83 -16.11
C ALA A 151 -12.88 12.67 -16.94
N PRO A 152 -12.68 13.55 -17.92
CA PRO A 152 -11.35 13.65 -18.55
C PRO A 152 -10.31 14.06 -17.53
N ARG A 153 -9.06 13.79 -17.88
CA ARG A 153 -7.95 14.22 -17.03
C ARG A 153 -6.76 14.47 -17.94
N HIS A 154 -6.06 15.56 -17.69
CA HIS A 154 -4.90 15.91 -18.51
C HIS A 154 -3.70 15.09 -18.06
N TRP A 155 -3.03 14.43 -19.01
CA TRP A 155 -1.79 13.71 -18.76
C TRP A 155 -0.61 14.55 -19.23
N ASP A 156 0.37 14.79 -18.35
CA ASP A 156 1.57 15.48 -18.83
C ASP A 156 2.68 14.47 -19.10
N GLU A 157 3.72 14.92 -19.81
CA GLU A 157 4.68 13.93 -20.29
C GLU A 157 5.52 13.36 -19.15
N ALA A 158 5.71 14.11 -18.06
CA ALA A 158 6.40 13.56 -16.90
C ALA A 158 5.63 12.39 -16.28
N GLU A 159 4.29 12.49 -16.24
CA GLU A 159 3.49 11.35 -15.80
C GLU A 159 3.63 10.15 -16.74
N VAL A 160 3.65 10.40 -18.04
CA VAL A 160 3.79 9.28 -18.97
C VAL A 160 5.17 8.65 -18.82
N GLN A 161 6.20 9.46 -18.64
CA GLN A 161 7.53 8.92 -18.40
C GLN A 161 7.57 8.10 -17.11
N LEU A 162 6.95 8.60 -16.04
CA LEU A 162 6.88 7.83 -14.81
C LEU A 162 6.21 6.49 -15.06
N LEU A 163 5.06 6.51 -15.76
CA LEU A 163 4.34 5.26 -16.01
C LEU A 163 5.20 4.27 -16.74
N MET A 164 5.99 4.74 -17.71
CA MET A 164 6.85 3.85 -18.47
C MET A 164 7.96 3.28 -17.60
N ARG A 165 8.47 4.06 -16.64
CA ARG A 165 9.50 3.53 -15.74
C ARG A 165 8.92 2.52 -14.78
N VAL A 166 7.70 2.76 -14.31
CA VAL A 166 7.03 1.77 -13.46
C VAL A 166 6.79 0.48 -14.24
N ALA A 167 6.34 0.60 -15.49
CA ALA A 167 6.16 -0.60 -16.31
C ALA A 167 7.49 -1.32 -16.52
N ASP A 168 8.57 -0.57 -16.66
CA ASP A 168 9.91 -1.18 -16.71
C ASP A 168 10.15 -2.04 -15.47
N GLN A 169 9.85 -1.49 -14.28
CA GLN A 169 10.03 -2.24 -13.05
C GLN A 169 9.16 -3.48 -13.00
N LEU A 170 7.90 -3.35 -13.43
CA LEU A 170 7.03 -4.52 -13.55
C LEU A 170 7.65 -5.56 -14.46
N GLY A 171 8.15 -5.12 -15.62
CA GLY A 171 8.75 -6.06 -16.56
C GLY A 171 9.95 -6.79 -16.00
N VAL A 172 10.79 -6.07 -15.25
CA VAL A 172 11.94 -6.70 -14.60
C VAL A 172 11.46 -7.72 -13.57
N ALA A 173 10.41 -7.39 -12.82
CA ALA A 173 9.85 -8.34 -11.86
C ALA A 173 9.29 -9.57 -12.55
N ILE A 174 8.61 -9.39 -13.68
CA ILE A 174 8.07 -10.52 -14.42
C ILE A 174 9.21 -11.37 -14.98
N GLN A 175 10.25 -10.72 -15.51
CA GLN A 175 11.40 -11.44 -16.02
C GLN A 175 12.05 -12.27 -14.93
N GLN A 176 12.25 -11.68 -13.75
CA GLN A 176 12.90 -12.39 -12.65
C GLN A 176 12.03 -13.50 -12.11
N ALA A 177 10.71 -13.34 -12.16
CA ALA A 177 9.82 -14.42 -11.73
C ALA A 177 9.82 -15.57 -12.73
N GLU A 178 9.94 -15.26 -14.02
CA GLU A 178 10.03 -16.33 -15.02
C GLU A 178 11.37 -17.04 -14.97
N TYR A 179 12.41 -16.34 -14.54
CA TYR A 179 13.73 -16.95 -14.35
C TYR A 179 13.66 -18.06 -13.30
N MET B 1 -6.41 13.34 27.40
CA MET B 1 -6.14 12.46 26.26
C MET B 1 -7.23 12.56 25.21
N GLU B 2 -8.44 12.91 25.65
CA GLU B 2 -9.58 12.99 24.75
C GLU B 2 -9.31 13.95 23.59
N GLN B 3 -8.80 15.15 23.90
CA GLN B 3 -8.53 16.10 22.83
C GLN B 3 -7.35 15.65 21.97
N ALA B 4 -6.36 15.00 22.59
CA ALA B 4 -5.28 14.38 21.82
C ALA B 4 -5.83 13.36 20.84
N LEU B 5 -6.80 12.56 21.28
CA LEU B 5 -7.41 11.58 20.40
C LEU B 5 -8.18 12.23 19.26
N ASN B 6 -8.88 13.35 19.54
CA ASN B 6 -9.67 13.96 18.48
C ASN B 6 -8.79 14.57 17.40
N ARG B 7 -7.62 15.11 17.77
CA ARG B 7 -6.71 15.63 16.77
C ARG B 7 -6.14 14.53 15.90
N VAL B 8 -5.80 13.38 16.52
CA VAL B 8 -5.31 12.24 15.74
C VAL B 8 -6.39 11.76 14.76
N ILE B 9 -7.63 11.63 15.23
CA ILE B 9 -8.70 11.17 14.36
C ILE B 9 -8.96 12.18 13.24
N THR B 10 -8.95 13.47 13.58
CA THR B 10 -9.10 14.51 12.57
C THR B 10 -8.02 14.38 11.49
N LYS B 11 -6.76 14.23 11.92
CA LYS B 11 -5.68 13.98 10.98
C LYS B 11 -5.96 12.76 10.12
N ILE B 12 -6.41 11.67 10.75
CA ILE B 12 -6.66 10.42 10.03
C ILE B 12 -7.71 10.62 8.95
N ARG B 13 -8.74 11.41 9.25
CA ARG B 13 -9.87 11.56 8.35
C ARG B 13 -9.65 12.61 7.29
N GLN B 14 -8.61 13.45 7.42
CA GLN B 14 -8.31 14.44 6.38
C GLN B 14 -7.58 13.84 5.19
N VAL B 15 -7.15 12.58 5.28
CA VAL B 15 -6.72 11.80 4.14
C VAL B 15 -7.72 10.66 3.95
N SER B 16 -7.70 10.06 2.77
CA SER B 16 -8.76 9.10 2.44
C SER B 16 -8.26 7.73 2.04
N ASP B 17 -7.04 7.61 1.50
CA ASP B 17 -6.53 6.30 1.12
C ASP B 17 -5.86 5.64 2.32
N LEU B 18 -5.90 4.30 2.33
CA LEU B 18 -5.46 3.56 3.52
C LEU B 18 -3.98 3.77 3.81
N GLU B 19 -3.14 3.85 2.77
CA GLU B 19 -1.72 4.05 3.03
C GLU B 19 -1.45 5.40 3.70
N SER B 20 -2.14 6.45 3.26
CA SER B 20 -2.00 7.75 3.90
C SER B 20 -2.49 7.69 5.34
N ILE B 21 -3.59 6.98 5.58
CA ILE B 21 -4.13 6.82 6.92
C ILE B 21 -3.10 6.18 7.83
N PHE B 22 -2.47 5.10 7.36
CA PHE B 22 -1.42 4.42 8.12
C PHE B 22 -0.27 5.35 8.42
N SER B 23 0.23 6.04 7.39
CA SER B 23 1.40 6.91 7.58
C SER B 23 1.09 8.04 8.55
N THR B 24 -0.05 8.69 8.36
CA THR B 24 -0.46 9.77 9.26
C THR B 24 -0.61 9.27 10.68
N THR B 25 -1.21 8.09 10.86
CA THR B 25 -1.45 7.56 12.20
C THR B 25 -0.13 7.32 12.94
N THR B 26 0.82 6.64 12.30
CA THR B 26 2.08 6.37 12.98
C THR B 26 2.82 7.68 13.27
N GLN B 27 2.74 8.64 12.35
CA GLN B 27 3.42 9.90 12.56
C GLN B 27 2.80 10.66 13.72
N GLU B 28 1.46 10.70 13.80
CA GLU B 28 0.80 11.49 14.83
C GLU B 28 0.97 10.87 16.22
N VAL B 29 0.86 9.54 16.30
CA VAL B 29 1.11 8.88 17.59
C VAL B 29 2.55 9.10 18.03
N ARG B 30 3.53 8.98 17.12
CA ARG B 30 4.92 9.16 17.50
C ARG B 30 5.17 10.56 18.04
N ARG B 31 4.64 11.57 17.35
CA ARG B 31 4.79 12.96 17.79
C ARG B 31 4.13 13.17 19.15
N LEU B 32 2.92 12.65 19.32
CA LEU B 32 2.17 12.85 20.56
C LEU B 32 2.93 12.29 21.76
N PHE B 33 3.42 11.07 21.63
CA PHE B 33 4.14 10.43 22.71
C PHE B 33 5.61 10.85 22.81
N GLY B 34 6.14 11.51 21.78
CA GLY B 34 7.53 11.93 21.79
C GLY B 34 8.48 10.75 21.90
N ILE B 35 8.24 9.74 21.07
CA ILE B 35 9.03 8.50 21.12
C ILE B 35 9.72 8.27 19.79
N GLU B 36 10.47 7.17 19.70
CA GLU B 36 11.37 6.98 18.58
C GLU B 36 10.82 6.08 17.47
N ARG B 37 9.77 5.30 17.71
CA ARG B 37 9.19 4.54 16.61
C ARG B 37 7.76 4.18 16.96
N VAL B 38 6.87 4.29 15.97
CA VAL B 38 5.52 3.71 16.00
C VAL B 38 5.31 2.89 14.73
N THR B 39 4.78 1.68 14.86
CA THR B 39 4.64 0.78 13.73
C THR B 39 3.23 0.22 13.64
N ILE B 40 2.81 -0.06 12.41
CA ILE B 40 1.64 -0.86 12.12
C ILE B 40 2.14 -2.16 11.51
N TYR B 41 1.72 -3.27 12.12
CA TYR B 41 2.20 -4.61 11.79
C TYR B 41 0.97 -5.45 11.48
N LYS B 42 1.01 -6.15 10.35
CA LYS B 42 -0.13 -6.91 9.87
C LYS B 42 0.12 -8.40 10.04
N PHE B 43 -0.83 -9.09 10.68
CA PHE B 43 -0.73 -10.53 10.84
C PHE B 43 -0.91 -11.24 9.51
N ARG B 44 -0.07 -12.25 9.29
CA ARG B 44 -0.33 -13.27 8.30
C ARG B 44 -1.37 -14.24 8.84
N GLU B 45 -1.78 -15.20 8.01
CA GLU B 45 -2.81 -16.14 8.44
C GLU B 45 -2.37 -17.02 9.62
N ASP B 46 -1.06 -17.17 9.84
CA ASP B 46 -0.56 -18.00 10.93
C ASP B 46 -0.12 -17.17 12.13
N TYR B 47 -0.41 -15.87 12.11
CA TYR B 47 -0.11 -14.91 13.17
C TYR B 47 1.38 -14.65 13.33
N PHE B 48 2.21 -15.13 12.40
CA PHE B 48 3.41 -14.38 12.05
C PHE B 48 2.94 -13.05 11.42
N GLY B 49 3.88 -12.22 10.98
CA GLY B 49 3.43 -10.95 10.46
C GLY B 49 4.58 -10.09 9.98
N ASP B 50 4.20 -8.94 9.42
CA ASP B 50 5.15 -8.09 8.72
C ASP B 50 4.87 -6.63 9.05
N PHE B 51 5.94 -5.83 9.11
CA PHE B 51 5.82 -4.40 9.34
C PHE B 51 5.32 -3.72 8.07
N ILE B 52 4.20 -3.00 8.15
CA ILE B 52 3.60 -2.34 6.99
C ILE B 52 3.97 -0.87 6.92
N THR B 53 3.87 -0.17 8.05
CA THR B 53 4.08 1.27 8.11
C THR B 53 4.83 1.60 9.38
N GLU B 54 5.65 2.65 9.32
CA GLU B 54 6.37 3.07 10.50
C GLU B 54 6.65 4.57 10.43
N SER B 55 6.74 5.17 11.61
CA SER B 55 7.30 6.50 11.78
CA SER B 55 7.32 6.49 11.77
C SER B 55 8.45 6.39 12.79
N GLU B 56 9.62 6.90 12.45
CA GLU B 56 10.76 6.79 13.34
C GLU B 56 11.53 8.09 13.40
N ALA B 57 12.25 8.27 14.50
CA ALA B 57 13.10 9.43 14.69
C ALA B 57 14.32 9.02 15.52
N GLY B 58 15.51 9.37 15.03
CA GLY B 58 16.71 9.08 15.79
C GLY B 58 17.74 8.23 15.07
N GLY B 59 17.57 8.03 13.76
CA GLY B 59 18.52 7.30 12.96
C GLY B 59 18.52 5.81 13.24
N TRP B 60 17.33 5.21 13.24
CA TRP B 60 17.15 3.80 13.51
C TRP B 60 16.94 3.05 12.21
N ARG B 61 17.13 1.73 12.26
CA ARG B 61 16.85 0.93 11.06
C ARG B 61 15.36 0.98 10.74
N LYS B 62 15.06 0.91 9.45
CA LYS B 62 13.68 0.83 9.01
C LYS B 62 13.20 -0.61 9.10
N LEU B 63 12.02 -0.80 9.67
CA LEU B 63 11.50 -2.15 9.84
C LEU B 63 10.50 -2.53 8.76
N VAL B 64 9.92 -1.56 8.05
CA VAL B 64 9.03 -1.90 6.96
C VAL B 64 9.79 -2.74 5.94
N GLY B 65 9.13 -3.77 5.43
CA GLY B 65 9.79 -4.73 4.55
C GLY B 65 10.42 -5.90 5.28
N SER B 66 10.33 -5.95 6.60
CA SER B 66 10.83 -7.05 7.39
C SER B 66 9.66 -7.69 8.13
N GLY B 67 9.87 -8.94 8.57
CA GLY B 67 8.86 -9.67 9.31
C GLY B 67 9.31 -10.01 10.71
N TRP B 68 8.34 -10.33 11.57
CA TRP B 68 8.61 -10.92 12.87
C TRP B 68 7.72 -12.15 12.95
N GLU B 69 8.35 -13.33 12.96
CA GLU B 69 7.64 -14.62 13.08
C GLU B 69 7.75 -15.08 14.54
N ASP B 70 6.86 -14.56 15.36
CA ASP B 70 6.92 -14.88 16.77
C ASP B 70 6.29 -16.25 17.03
N PRO B 71 7.05 -17.22 17.56
CA PRO B 71 6.49 -18.57 17.71
C PRO B 71 5.40 -18.65 18.75
N TYR B 72 5.43 -17.77 19.75
CA TYR B 72 4.36 -17.79 20.74
C TYR B 72 3.05 -17.29 20.14
N LEU B 73 3.10 -16.20 19.37
CA LEU B 73 1.89 -15.69 18.74
C LEU B 73 1.32 -16.68 17.73
N ASN B 74 2.19 -17.42 17.03
CA ASN B 74 1.72 -18.48 16.14
C ASN B 74 1.05 -19.59 16.93
N GLU B 75 1.71 -20.10 17.97
CA GLU B 75 1.14 -21.23 18.71
C GLU B 75 -0.16 -20.86 19.41
N HIS B 76 -0.28 -19.62 19.89
CA HIS B 76 -1.48 -19.19 20.61
C HIS B 76 -2.42 -18.36 19.73
N GLN B 77 -2.22 -18.40 18.40
CA GLN B 77 -3.12 -17.78 17.44
C GLN B 77 -3.44 -16.33 17.82
N GLY B 78 -2.38 -15.56 18.08
CA GLY B 78 -2.53 -14.15 18.43
C GLY B 78 -2.41 -13.85 19.91
N GLY B 79 -2.39 -14.88 20.76
CA GLY B 79 -2.16 -14.64 22.17
C GLY B 79 -3.22 -13.76 22.80
N ARG B 80 -2.77 -12.88 23.70
CA ARG B 80 -3.71 -12.06 24.45
C ARG B 80 -4.47 -11.08 23.58
N PHE B 81 -3.97 -10.83 22.37
CA PHE B 81 -4.62 -9.84 21.52
C PHE B 81 -5.96 -10.31 21.01
N GLN B 82 -6.22 -11.63 21.02
CA GLN B 82 -7.54 -12.10 20.64
C GLN B 82 -8.60 -11.61 21.62
N GLN B 83 -8.22 -11.32 22.85
CA GLN B 83 -9.11 -10.76 23.86
C GLN B 83 -8.93 -9.25 24.01
N ASN B 84 -8.24 -8.62 23.05
CA ASN B 84 -7.93 -7.20 23.09
C ASN B 84 -7.23 -6.78 24.38
N GLN B 85 -6.33 -7.64 24.85
CA GLN B 85 -5.53 -7.14 25.96
C GLN B 85 -4.26 -6.50 25.40
N PRO B 86 -3.83 -5.38 25.97
CA PRO B 86 -2.59 -4.76 25.52
C PRO B 86 -1.41 -5.42 26.19
N PHE B 87 -0.22 -5.11 25.67
CA PHE B 87 1.04 -5.60 26.20
C PHE B 87 1.90 -4.37 26.45
N VAL B 88 2.21 -4.12 27.72
CA VAL B 88 2.74 -2.84 28.20
C VAL B 88 4.05 -3.11 28.94
N VAL B 89 5.16 -2.65 28.37
CA VAL B 89 6.49 -2.97 28.91
C VAL B 89 7.34 -1.71 28.96
N ASP B 90 7.52 -1.15 30.15
CA ASP B 90 8.38 0.03 30.30
C ASP B 90 9.80 -0.26 29.86
N ASP B 91 10.32 -1.43 30.25
CA ASP B 91 11.72 -1.81 30.12
C ASP B 91 11.74 -3.29 29.77
N ILE B 92 12.19 -3.66 28.58
CA ILE B 92 12.12 -5.05 28.15
C ILE B 92 12.94 -5.97 29.03
N TYR B 93 13.90 -5.43 29.77
CA TYR B 93 14.74 -6.23 30.66
C TYR B 93 14.14 -6.41 32.03
N LEU B 94 13.03 -5.72 32.34
CA LEU B 94 12.38 -5.79 33.65
C LEU B 94 11.02 -6.48 33.60
N GLY B 95 10.11 -6.06 32.74
CA GLY B 95 8.89 -6.85 32.57
C GLY B 95 7.67 -5.98 32.30
N GLU B 96 6.56 -6.68 32.09
CA GLU B 96 5.30 -6.08 31.68
C GLU B 96 4.49 -5.57 32.89
N THR B 97 3.78 -4.47 32.66
CA THR B 97 2.78 -3.98 33.59
C THR B 97 1.52 -4.83 33.49
N ILE B 98 0.95 -5.21 34.64
CA ILE B 98 -0.22 -6.08 34.62
C ILE B 98 -1.46 -5.28 34.23
N TRP B 99 -2.19 -5.80 33.25
CA TRP B 99 -3.43 -5.21 32.76
C TRP B 99 -4.56 -6.19 33.05
N GLU B 100 -5.52 -5.75 33.86
CA GLU B 100 -6.63 -6.59 34.28
C GLU B 100 -7.91 -5.78 34.24
N GLU B 101 -8.97 -6.41 33.72
CA GLU B 101 -10.29 -5.81 33.69
C GLU B 101 -10.24 -4.40 33.10
N GLY B 102 -9.48 -4.26 32.01
CA GLY B 102 -9.45 -3.01 31.27
C GLY B 102 -8.69 -1.87 31.92
N LYS B 103 -7.73 -2.16 32.80
CA LYS B 103 -6.96 -1.11 33.45
C LYS B 103 -5.66 -1.71 33.97
N PHE B 104 -4.73 -0.83 34.34
CA PHE B 104 -3.54 -1.28 35.07
C PHE B 104 -3.96 -1.84 36.42
N ASN B 105 -3.22 -2.84 36.90
CA ASN B 105 -3.24 -3.20 38.32
C ASN B 105 -1.84 -2.97 38.88
N LEU B 106 -1.67 -1.86 39.59
CA LEU B 106 -0.37 -1.54 40.19
C LEU B 106 -0.05 -2.39 41.41
N GLN B 107 -1.00 -3.19 41.89
CA GLN B 107 -0.79 -4.06 43.03
C GLN B 107 -0.59 -5.52 42.62
N LYS B 108 -0.10 -5.74 41.40
CA LYS B 108 0.37 -7.06 41.00
C LYS B 108 1.77 -6.90 40.41
N PRO B 109 2.65 -7.86 40.64
CA PRO B 109 4.05 -7.67 40.24
C PRO B 109 4.21 -7.72 38.73
N LYS B 110 5.21 -6.97 38.24
CA LYS B 110 5.50 -7.02 36.81
C LYS B 110 6.02 -8.39 36.41
N ARG B 111 5.72 -8.79 35.19
CA ARG B 111 6.04 -10.12 34.72
C ARG B 111 7.21 -10.08 33.74
N PRO B 112 8.31 -10.74 34.04
CA PRO B 112 9.48 -10.71 33.16
C PRO B 112 9.17 -11.33 31.80
N LEU B 113 9.82 -10.81 30.76
CA LEU B 113 9.68 -11.40 29.45
C LEU B 113 10.61 -12.60 29.31
N THR B 114 10.20 -13.56 28.49
CA THR B 114 11.07 -14.70 28.17
C THR B 114 12.29 -14.22 27.38
N ASP B 115 13.45 -14.84 27.63
CA ASP B 115 14.69 -14.38 27.02
C ASP B 115 14.60 -14.28 25.50
N CYS B 116 14.02 -15.29 24.82
CA CYS B 116 14.01 -15.21 23.36
C CYS B 116 13.07 -14.12 22.84
N HIS B 117 12.07 -13.74 23.64
CA HIS B 117 11.24 -12.57 23.30
C HIS B 117 12.06 -11.29 23.45
N ILE B 118 12.81 -11.17 24.56
CA ILE B 118 13.69 -10.02 24.74
C ILE B 118 14.66 -9.91 23.59
N GLU B 119 15.24 -11.05 23.18
CA GLU B 119 16.21 -11.06 22.09
C GLU B 119 15.57 -10.64 20.76
N ALA B 120 14.34 -11.06 20.52
CA ALA B 120 13.65 -10.63 19.31
C ALA B 120 13.41 -9.13 19.33
N LEU B 121 13.05 -8.57 20.47
CA LEU B 121 12.88 -7.12 20.57
C LEU B 121 14.19 -6.40 20.32
N GLU B 122 15.29 -6.92 20.86
CA GLU B 122 16.60 -6.33 20.58
C GLU B 122 16.90 -6.34 19.09
N SER B 123 16.48 -7.39 18.38
CA SER B 123 16.73 -7.46 16.94
C SER B 123 16.04 -6.35 16.18
N PHE B 124 14.95 -5.79 16.73
CA PHE B 124 14.26 -4.66 16.14
C PHE B 124 14.61 -3.34 16.83
N GLU B 125 15.65 -3.34 17.67
CA GLU B 125 16.20 -2.16 18.34
C GLU B 125 15.28 -1.57 19.41
N VAL B 126 14.37 -2.37 19.96
CA VAL B 126 13.38 -1.92 20.93
C VAL B 126 13.92 -2.06 22.35
N LYS B 127 13.72 -1.03 23.18
CA LYS B 127 13.99 -1.12 24.62
C LYS B 127 12.74 -0.98 25.49
N SER B 128 11.61 -0.59 24.90
CA SER B 128 10.37 -0.33 25.61
C SER B 128 9.23 -0.46 24.60
N CYS B 129 8.11 -1.07 25.00
CA CYS B 129 7.03 -1.25 24.03
C CYS B 129 5.66 -1.24 24.68
N ALA B 130 4.71 -0.58 24.02
CA ALA B 130 3.29 -0.69 24.33
C ALA B 130 2.62 -1.12 23.04
N VAL B 131 1.99 -2.29 23.06
CA VAL B 131 1.50 -2.96 21.87
C VAL B 131 0.01 -3.23 22.04
N VAL B 132 -0.80 -2.84 21.05
CA VAL B 132 -2.24 -3.05 21.14
C VAL B 132 -2.77 -3.67 19.85
N ALA B 133 -3.92 -4.33 19.97
CA ALA B 133 -4.53 -5.04 18.84
C ALA B 133 -5.23 -4.07 17.89
N ILE B 134 -5.12 -4.37 16.61
CA ILE B 134 -5.95 -3.75 15.58
C ILE B 134 -7.00 -4.78 15.16
N PHE B 135 -8.28 -4.49 15.43
CA PHE B 135 -9.37 -5.34 15.00
C PHE B 135 -10.04 -4.76 13.76
N GLN B 136 -10.24 -5.60 12.75
CA GLN B 136 -11.05 -5.26 11.59
C GLN B 136 -12.41 -5.92 11.83
N GLY B 137 -13.37 -5.13 12.31
CA GLY B 137 -14.57 -5.73 12.88
C GLY B 137 -14.19 -6.49 14.13
N GLN B 138 -14.58 -7.75 14.20
CA GLN B 138 -14.18 -8.60 15.31
C GLN B 138 -13.03 -9.53 14.93
N LYS B 139 -12.36 -9.26 13.82
CA LYS B 139 -11.23 -10.05 13.35
C LYS B 139 -9.92 -9.38 13.75
N LEU B 140 -9.04 -10.13 14.42
CA LEU B 140 -7.73 -9.61 14.80
C LEU B 140 -6.86 -9.48 13.55
N TRP B 141 -6.52 -8.24 13.20
CA TRP B 141 -5.87 -7.93 11.94
C TRP B 141 -4.37 -7.69 12.09
N GLY B 142 -3.94 -7.09 13.19
CA GLY B 142 -2.54 -6.73 13.33
C GLY B 142 -2.31 -6.07 14.67
N LEU B 143 -1.18 -5.37 14.78
CA LEU B 143 -0.79 -4.72 16.02
C LEU B 143 -0.30 -3.31 15.72
N LEU B 144 -0.67 -2.39 16.61
CA LEU B 144 -0.10 -1.05 16.64
C LEU B 144 0.87 -1.00 17.81
N SER B 145 2.13 -0.65 17.55
CA SER B 145 3.18 -0.71 18.55
C SER B 145 3.82 0.66 18.73
N ALA B 146 3.98 1.08 19.98
CA ALA B 146 4.72 2.27 20.38
C ALA B 146 6.02 1.81 21.02
N PHE B 147 7.14 2.27 20.48
CA PHE B 147 8.47 1.83 20.86
C PHE B 147 9.34 2.99 21.31
N GLN B 148 10.13 2.78 22.35
CA GLN B 148 11.32 3.56 22.61
C GLN B 148 12.53 2.67 22.39
N ASN B 149 13.53 3.20 21.68
CA ASN B 149 14.68 2.44 21.25
C ASN B 149 15.94 2.74 22.02
N SER B 150 16.12 3.99 22.48
CA SER B 150 17.37 4.36 23.12
C SER B 150 17.37 4.15 24.63
N ALA B 151 16.20 3.97 25.24
CA ALA B 151 16.06 3.95 26.70
C ALA B 151 14.71 3.35 27.04
N PRO B 152 14.51 2.90 28.28
CA PRO B 152 13.16 2.56 28.74
C PRO B 152 12.29 3.80 28.79
N ARG B 153 10.98 3.58 28.82
CA ARG B 153 10.02 4.68 28.96
C ARG B 153 8.81 4.19 29.74
N HIS B 154 8.32 5.01 30.66
CA HIS B 154 7.15 4.62 31.42
C HIS B 154 5.89 4.88 30.60
N TRP B 155 5.07 3.85 30.47
CA TRP B 155 3.76 3.95 29.83
C TRP B 155 2.69 4.10 30.90
N ASP B 156 1.83 5.11 30.78
CA ASP B 156 0.73 5.17 31.73
C ASP B 156 -0.57 4.65 31.11
N GLU B 157 -1.55 4.42 31.98
CA GLU B 157 -2.79 3.76 31.56
C GLU B 157 -3.52 4.57 30.51
N ALA B 158 -3.53 5.90 30.65
CA ALA B 158 -4.21 6.74 29.68
C ALA B 158 -3.55 6.70 28.30
N GLU B 159 -2.22 6.51 28.25
CA GLU B 159 -1.57 6.35 26.96
C GLU B 159 -1.95 5.03 26.30
N VAL B 160 -2.06 3.97 27.08
CA VAL B 160 -2.46 2.68 26.51
C VAL B 160 -3.90 2.75 26.02
N GLN B 161 -4.77 3.42 26.79
CA GLN B 161 -6.15 3.61 26.33
C GLN B 161 -6.18 4.39 25.02
N LEU B 162 -5.39 5.47 24.93
CA LEU B 162 -5.32 6.21 23.66
C LEU B 162 -4.88 5.31 22.53
N LEU B 163 -3.84 4.50 22.75
CA LEU B 163 -3.34 3.64 21.69
C LEU B 163 -4.41 2.68 21.21
N MET B 164 -5.19 2.12 22.15
CA MET B 164 -6.26 1.20 21.78
C MET B 164 -7.36 1.90 20.99
N ARG B 165 -7.66 3.17 21.31
CA ARG B 165 -8.65 3.92 20.54
C ARG B 165 -8.14 4.24 19.15
N VAL B 166 -6.86 4.57 19.04
CA VAL B 166 -6.29 4.81 17.72
C VAL B 166 -6.30 3.52 16.90
N ALA B 167 -5.96 2.39 17.53
CA ALA B 167 -6.04 1.10 16.85
C ALA B 167 -7.47 0.81 16.43
N ASP B 168 -8.44 1.18 17.26
CA ASP B 168 -9.83 1.11 16.85
C ASP B 168 -10.07 1.88 15.55
N GLN B 169 -9.51 3.09 15.45
CA GLN B 169 -9.75 3.90 14.26
C GLN B 169 -9.10 3.28 13.04
N LEU B 170 -7.87 2.78 13.20
CA LEU B 170 -7.21 2.02 12.15
C LEU B 170 -8.07 0.85 11.70
N GLY B 171 -8.64 0.13 12.66
CA GLY B 171 -9.45 -1.03 12.30
C GLY B 171 -10.68 -0.64 11.51
N VAL B 172 -11.28 0.50 11.87
CA VAL B 172 -12.47 0.98 11.18
C VAL B 172 -12.11 1.36 9.74
N ALA B 173 -10.94 1.97 9.55
CA ALA B 173 -10.50 2.33 8.21
C ALA B 173 -10.16 1.10 7.38
N ILE B 174 -9.51 0.11 8.00
CA ILE B 174 -9.22 -1.14 7.30
C ILE B 174 -10.52 -1.83 6.91
N GLN B 175 -11.48 -1.87 7.83
CA GLN B 175 -12.79 -2.42 7.53
C GLN B 175 -13.43 -1.70 6.35
N GLN B 176 -13.44 -0.36 6.39
CA GLN B 176 -14.08 0.41 5.33
C GLN B 176 -13.31 0.34 4.02
N ALA B 177 -11.99 0.14 4.08
CA ALA B 177 -11.21 0.02 2.85
C ALA B 177 -11.53 -1.28 2.12
N GLU B 178 -11.70 -2.38 2.85
CA GLU B 178 -12.08 -3.61 2.20
C GLU B 178 -13.58 -3.72 1.99
N TYR B 179 -14.37 -2.87 2.64
CA TYR B 179 -15.74 -2.62 2.17
C TYR B 179 -15.72 -2.03 0.78
N LEU B 180 -14.76 -1.15 0.50
CA LEU B 180 -14.56 -0.58 -0.83
C LEU B 180 -13.58 -1.42 -1.64
#